data_7HL9
#
_entry.id   7HL9
#
_cell.length_a   82.354
_cell.length_b   116.618
_cell.length_c   148.595
_cell.angle_alpha   90.00
_cell.angle_beta   90.00
_cell.angle_gamma   90.00
#
_symmetry.space_group_name_H-M   'I 2 2 2'
#
loop_
_entity.id
_entity.type
_entity.pdbx_description
1 polymer 'Genome polyprotein'
2 non-polymer 'ZINC ION'
3 non-polymer '2-(N-MORPHOLINO)-ETHANESULFONIC ACID'
4 non-polymer 'DIMETHYL SULFOXIDE'
5 non-polymer DI(HYDROXYETHYL)ETHER
6 non-polymer 'PHOSPHATE ION'
7 non-polymer 1-ethyl-1H-benzimidazole
8 water water
#
_entity_poly.entity_id   1
_entity_poly.type   'polypeptide(L)'
_entity_poly.pdbx_seq_one_letter_code
;GPGIESETPNLDIIGKRIEKIKQEHETSWHYDQDHPYKTWAYHGSYETKQTGSASSMVNGVVRLLTKPWDIIPMVTQMAM
TDTTPFGQQRVFKEKVDTRTQEPKEGTKKLMKITAEWLWKELGKKKTPRMCTREEFTRKVRSNAALGAIFTDENKWKSAR
EAVEDSGFWELVDKERNLHLEGKCETCVYNMMGKREKKLGEFGKAKGSRAIWYMWLGARFLEFEALGFLNEDHWFSRENS
LSGVEGEGLHKLGYILRDVSKKEGGAMYADDTAGWDTRITLEDLKNEEMVTNHMEGEHKKLAEAIFKLTYQNKVVRVQRP
TPRGTVMDIISRRDQRGSGQVVTYGLNTFTNMEAQLIRQMEGEGVFKSIQHLTVTEEIAVKNWLVRVGRERLSRMAISGD
DCVVKPLDDRFASALTALNDMGKVRKDIQQWEPSRGWNDWTQVPFCSHHFHELIMKDGRVLVVPCRNQDELIGRARISQG
AGWSLRETACLGKSYAQMWSLMYFHRRDLRLAANAICSAVPSHWVPTSRTTWSIHATHEWMTTEDMLTVWNRVWIQENPW
MEDKTPVESWEEIPYLGKREDQWCGSLIGLTSRATWAKNIQTAINQVRSLIGNEEYTDYMPSMKRFRREEEEAGVLW
;
_entity_poly.pdbx_strand_id   A
#
loop_
_chem_comp.id
_chem_comp.type
_chem_comp.name
_chem_comp.formula
DMS non-polymer 'DIMETHYL SULFOXIDE' 'C2 H6 O S'
MES non-polymer '2-(N-MORPHOLINO)-ETHANESULFONIC ACID' 'C6 H13 N O4 S'
PEG non-polymer DI(HYDROXYETHYL)ETHER 'C4 H10 O3'
PO4 non-polymer 'PHOSPHATE ION' 'O4 P -3'
T6R non-polymer 1-ethyl-1H-benzimidazole 'C9 H10 N2'
ZN non-polymer 'ZINC ION' 'Zn 2'
#
# COMPACT_ATOMS: atom_id res chain seq x y z
N ASN A 10 -31.20 -2.25 5.15
CA ASN A 10 -31.40 -2.16 3.67
C ASN A 10 -31.84 -0.73 3.36
N LEU A 11 -32.98 -0.54 2.64
CA LEU A 11 -33.29 0.66 1.82
C LEU A 11 -33.50 1.90 2.69
N ASP A 12 -33.78 1.74 3.98
CA ASP A 12 -33.90 2.88 4.92
C ASP A 12 -32.57 3.65 4.96
N ILE A 13 -31.43 2.96 5.03
CA ILE A 13 -30.07 3.58 5.21
C ILE A 13 -29.51 4.05 3.85
N ILE A 14 -29.80 3.34 2.75
CA ILE A 14 -29.23 3.65 1.40
C ILE A 14 -30.25 4.37 0.50
N GLY A 15 -31.55 4.33 0.83
CA GLY A 15 -32.66 4.85 -0.01
C GLY A 15 -32.48 6.30 -0.41
N LYS A 16 -32.13 7.16 0.56
CA LYS A 16 -31.95 8.63 0.40
C LYS A 16 -30.91 8.88 -0.70
N ARG A 17 -29.71 8.29 -0.55
CA ARG A 17 -28.63 8.35 -1.58
C ARG A 17 -29.21 7.92 -2.93
N ILE A 18 -29.98 6.83 -2.94
CA ILE A 18 -30.56 6.23 -4.18
C ILE A 18 -31.59 7.21 -4.74
N GLU A 19 -32.58 7.60 -3.91
CA GLU A 19 -33.64 8.58 -4.26
C GLU A 19 -33.00 9.80 -4.92
N LYS A 20 -31.93 10.34 -4.33
CA LYS A 20 -31.28 11.61 -4.77
C LYS A 20 -30.72 11.45 -6.20
N ILE A 21 -30.01 10.35 -6.48
CA ILE A 21 -29.35 10.13 -7.80
C ILE A 21 -30.45 9.94 -8.86
N LYS A 22 -31.49 9.18 -8.51
CA LYS A 22 -32.73 8.96 -9.33
C LYS A 22 -33.13 10.26 -10.06
N GLN A 23 -33.16 11.39 -9.34
CA GLN A 23 -33.79 12.66 -9.79
C GLN A 23 -32.84 13.48 -10.66
N GLU A 24 -31.52 13.40 -10.44
CA GLU A 24 -30.50 14.12 -11.27
C GLU A 24 -30.47 13.52 -12.68
N HIS A 25 -31.04 12.33 -12.86
CA HIS A 25 -31.15 11.62 -14.18
C HIS A 25 -32.58 11.07 -14.34
N GLU A 26 -33.59 11.89 -14.00
CA GLU A 26 -35.04 11.56 -14.11
C GLU A 26 -35.40 11.26 -15.58
N THR A 27 -34.70 11.88 -16.52
CA THR A 27 -34.91 11.74 -17.99
C THR A 27 -34.27 10.44 -18.53
N SER A 28 -33.61 9.63 -17.69
CA SER A 28 -32.86 8.41 -18.12
C SER A 28 -33.09 7.19 -17.22
N TRP A 29 -33.85 7.28 -16.13
CA TRP A 29 -33.99 6.17 -15.15
C TRP A 29 -34.74 4.99 -15.80
N HIS A 30 -34.36 3.76 -15.45
CA HIS A 30 -34.95 2.49 -15.96
C HIS A 30 -34.38 1.29 -15.21
N TYR A 31 -35.23 0.41 -14.66
CA TYR A 31 -34.83 -0.89 -14.06
C TYR A 31 -34.54 -1.88 -15.20
N ASP A 32 -33.29 -1.89 -15.66
CA ASP A 32 -32.77 -2.85 -16.69
C ASP A 32 -33.00 -4.29 -16.22
N GLN A 33 -33.46 -5.15 -17.14
CA GLN A 33 -33.83 -6.57 -16.86
C GLN A 33 -32.66 -7.49 -17.23
N ASP A 34 -31.72 -7.02 -18.05
CA ASP A 34 -30.49 -7.76 -18.46
C ASP A 34 -29.28 -7.20 -17.68
N HIS A 35 -29.42 -7.01 -16.36
CA HIS A 35 -28.34 -6.51 -15.46
C HIS A 35 -27.47 -7.69 -15.02
N PRO A 36 -26.12 -7.56 -15.08
CA PRO A 36 -25.22 -8.67 -14.78
C PRO A 36 -24.94 -9.05 -13.31
N TYR A 37 -25.59 -8.41 -12.33
CA TYR A 37 -25.24 -8.54 -10.90
C TYR A 37 -26.03 -9.70 -10.29
N LYS A 38 -25.33 -10.57 -9.54
CA LYS A 38 -25.93 -11.63 -8.70
C LYS A 38 -25.76 -11.31 -7.21
N THR A 39 -24.54 -10.94 -6.79
CA THR A 39 -24.20 -10.75 -5.35
C THR A 39 -24.36 -9.27 -4.95
N TRP A 40 -24.24 -8.34 -5.90
CA TRP A 40 -24.59 -6.90 -5.74
C TRP A 40 -26.10 -6.70 -5.94
N ALA A 41 -26.79 -6.13 -4.95
CA ALA A 41 -28.16 -5.58 -5.09
C ALA A 41 -28.14 -4.44 -6.11
N TYR A 42 -29.07 -4.48 -7.06
CA TYR A 42 -29.18 -3.56 -8.21
C TYR A 42 -30.39 -2.64 -7.99
N HIS A 43 -30.33 -1.43 -8.54
CA HIS A 43 -31.39 -0.44 -8.24
C HIS A 43 -31.88 0.30 -9.49
N GLY A 44 -31.02 0.57 -10.48
CA GLY A 44 -31.41 1.27 -11.71
C GLY A 44 -30.21 1.73 -12.54
N SER A 45 -30.48 2.40 -13.67
CA SER A 45 -29.45 2.84 -14.65
C SER A 45 -29.76 4.26 -15.12
N TYR A 46 -28.79 4.91 -15.80
CA TYR A 46 -28.91 6.28 -16.38
C TYR A 46 -27.78 6.54 -17.40
N GLU A 47 -28.01 7.49 -18.31
CA GLU A 47 -27.18 7.76 -19.53
C GLU A 47 -25.88 8.49 -19.15
N THR A 48 -24.75 7.99 -19.68
CA THR A 48 -23.38 8.57 -19.55
C THR A 48 -22.58 8.16 -20.79
N LYS A 49 -21.33 8.65 -20.94
CA LYS A 49 -20.45 8.32 -22.10
C LYS A 49 -19.04 8.89 -21.87
N GLN A 50 -18.12 8.08 -21.33
CA GLN A 50 -16.70 8.46 -21.12
C GLN A 50 -15.87 7.19 -20.87
N THR A 51 -14.56 7.34 -20.59
CA THR A 51 -13.55 6.24 -20.45
C THR A 51 -14.17 5.05 -19.70
N ALA A 54 -7.60 6.25 -19.33
CA ALA A 54 -6.38 6.72 -18.63
C ALA A 54 -5.29 5.62 -18.68
N SER A 55 -4.68 5.44 -19.86
CA SER A 55 -3.62 4.43 -20.15
C SER A 55 -2.26 4.90 -19.62
N SER A 56 -1.27 4.01 -19.59
CA SER A 56 0.10 4.27 -19.09
C SER A 56 0.98 4.82 -20.22
N MET A 57 1.63 5.96 -19.99
CA MET A 57 2.44 6.69 -21.00
C MET A 57 3.93 6.39 -20.72
N VAL A 58 4.78 6.41 -21.73
CA VAL A 58 6.22 6.15 -21.51
C VAL A 58 6.96 7.42 -21.12
N ASN A 59 7.84 7.31 -20.10
CA ASN A 59 8.80 8.36 -19.71
C ASN A 59 10.03 8.31 -20.63
N GLY A 60 10.13 9.26 -21.56
CA GLY A 60 11.19 9.29 -22.60
C GLY A 60 12.57 9.53 -22.04
N VAL A 61 12.67 10.25 -20.92
CA VAL A 61 13.98 10.51 -20.31
C VAL A 61 14.52 9.17 -19.79
N VAL A 62 13.74 8.40 -19.06
CA VAL A 62 14.23 7.10 -18.51
C VAL A 62 14.47 6.12 -19.66
N ARG A 63 13.58 6.07 -20.65
CA ARG A 63 13.73 5.07 -21.74
C ARG A 63 15.00 5.39 -22.52
N LEU A 64 15.29 6.66 -22.83
CA LEU A 64 16.49 6.99 -23.64
C LEU A 64 17.77 6.59 -22.89
N LEU A 65 17.73 6.54 -21.57
CA LEU A 65 18.95 6.20 -20.76
C LEU A 65 18.96 4.72 -20.33
N THR A 66 18.03 3.89 -20.84
CA THR A 66 17.99 2.44 -20.54
C THR A 66 17.79 1.69 -21.87
N LYS A 67 18.59 2.01 -22.87
CA LYS A 67 18.43 1.42 -24.22
C LYS A 67 18.48 -0.11 -24.20
N PRO A 68 19.38 -0.80 -23.49
CA PRO A 68 19.45 -2.26 -23.58
C PRO A 68 18.11 -2.94 -23.27
N TRP A 69 17.25 -2.28 -22.47
CA TRP A 69 15.96 -2.85 -22.02
C TRP A 69 14.89 -2.64 -23.11
N ASP A 70 15.19 -1.92 -24.20
CA ASP A 70 14.22 -1.74 -25.31
C ASP A 70 13.87 -3.06 -26.02
N ILE A 71 14.68 -4.11 -25.85
CA ILE A 71 14.52 -5.43 -26.50
C ILE A 71 14.21 -6.50 -25.45
N ILE A 72 13.87 -6.15 -24.21
CA ILE A 72 13.49 -7.13 -23.16
C ILE A 72 11.99 -7.06 -22.97
N PRO A 73 11.23 -8.09 -23.45
CA PRO A 73 9.77 -8.06 -23.36
C PRO A 73 9.21 -7.85 -21.96
N MET A 74 9.84 -8.41 -20.93
CA MET A 74 9.33 -8.21 -19.55
C MET A 74 9.32 -6.72 -19.18
N VAL A 75 10.22 -5.90 -19.75
CA VAL A 75 10.19 -4.42 -19.56
C VAL A 75 9.19 -3.78 -20.51
N THR A 76 9.29 -4.03 -21.81
CA THR A 76 8.53 -3.28 -22.84
C THR A 76 7.04 -3.59 -22.75
N GLN A 77 6.67 -4.81 -22.37
CA GLN A 77 5.23 -5.20 -22.27
C GLN A 77 4.56 -4.50 -21.09
N MET A 78 5.31 -4.07 -20.06
CA MET A 78 4.68 -3.41 -18.88
C MET A 78 3.99 -2.12 -19.30
N ALA A 79 4.46 -1.43 -20.35
CA ALA A 79 3.93 -0.11 -20.77
C ALA A 79 2.73 -0.29 -21.71
N MET A 80 2.36 -1.51 -22.11
CA MET A 80 1.27 -1.73 -23.10
C MET A 80 -0.09 -1.89 -22.39
N THR A 81 -1.19 -1.62 -23.11
CA THR A 81 -2.57 -2.04 -22.74
C THR A 81 -3.36 -0.93 -22.08
N PHE A 92 -9.80 -8.66 -11.14
CA PHE A 92 -10.96 -9.42 -11.69
C PHE A 92 -12.26 -8.83 -11.14
N LYS A 93 -13.13 -8.29 -12.01
CA LYS A 93 -14.45 -7.70 -11.64
C LYS A 93 -15.50 -8.82 -11.57
N GLU A 94 -15.05 -10.08 -11.72
CA GLU A 94 -15.82 -11.33 -11.46
C GLU A 94 -15.34 -11.94 -10.14
N LYS A 95 -14.62 -11.16 -9.33
CA LYS A 95 -14.28 -11.45 -7.91
C LYS A 95 -15.01 -10.47 -6.99
N VAL A 96 -15.18 -9.21 -7.42
CA VAL A 96 -16.04 -8.23 -6.70
C VAL A 96 -17.48 -8.78 -6.69
N ASP A 97 -17.90 -9.47 -7.76
CA ASP A 97 -19.22 -10.13 -7.87
C ASP A 97 -19.07 -11.62 -7.48
N THR A 98 -18.58 -11.89 -6.25
CA THR A 98 -18.64 -13.21 -5.56
C THR A 98 -19.15 -12.99 -4.12
N ARG A 99 -19.51 -14.06 -3.41
CA ARG A 99 -20.10 -13.99 -2.05
C ARG A 99 -19.26 -14.84 -1.09
N THR A 100 -19.21 -14.41 0.19
CA THR A 100 -18.46 -15.07 1.29
C THR A 100 -19.48 -15.53 2.34
N GLN A 101 -19.36 -16.78 2.80
CA GLN A 101 -20.30 -17.41 3.76
C GLN A 101 -20.09 -16.79 5.14
N GLU A 102 -21.12 -16.83 6.00
CA GLU A 102 -21.07 -16.46 7.43
C GLU A 102 -20.16 -17.44 8.17
N PRO A 103 -19.13 -16.96 8.91
CA PRO A 103 -18.32 -17.84 9.74
C PRO A 103 -19.18 -18.56 10.79
N LYS A 104 -18.67 -19.67 11.34
CA LYS A 104 -19.30 -20.44 12.45
C LYS A 104 -19.22 -19.63 13.75
N GLU A 105 -19.92 -20.08 14.79
CA GLU A 105 -20.08 -19.36 16.08
C GLU A 105 -18.74 -19.35 16.84
N GLY A 106 -18.01 -20.46 16.82
CA GLY A 106 -16.64 -20.55 17.36
C GLY A 106 -15.72 -19.52 16.70
N THR A 107 -15.80 -19.37 15.36
CA THR A 107 -14.97 -18.42 14.58
C THR A 107 -15.31 -16.98 14.98
N LYS A 108 -16.60 -16.61 14.85
CA LYS A 108 -17.17 -15.30 15.31
C LYS A 108 -16.76 -14.95 16.75
N LYS A 109 -16.78 -15.90 17.67
CA LYS A 109 -16.34 -15.69 19.08
C LYS A 109 -14.84 -15.36 19.13
N LEU A 110 -13.99 -16.17 18.46
CA LEU A 110 -12.50 -16.00 18.44
C LEU A 110 -12.16 -14.59 17.93
N MET A 111 -12.82 -14.19 16.84
CA MET A 111 -12.59 -12.86 16.21
C MET A 111 -12.97 -11.73 17.19
N LYS A 112 -14.12 -11.84 17.89
CA LYS A 112 -14.67 -10.77 18.75
C LYS A 112 -13.76 -10.60 19.96
N ILE A 113 -13.39 -11.69 20.61
CA ILE A 113 -12.43 -11.65 21.75
C ILE A 113 -11.10 -11.04 21.28
N THR A 114 -10.59 -11.48 20.12
CA THR A 114 -9.25 -11.06 19.65
C THR A 114 -9.29 -9.57 19.27
N ALA A 115 -10.32 -9.14 18.53
CA ALA A 115 -10.50 -7.73 18.14
C ALA A 115 -10.59 -6.84 19.38
N GLU A 116 -11.43 -7.22 20.35
CA GLU A 116 -11.63 -6.45 21.61
C GLU A 116 -10.26 -6.24 22.23
N TRP A 117 -9.50 -7.31 22.38
CA TRP A 117 -8.17 -7.25 22.99
C TRP A 117 -7.22 -6.40 22.13
N LEU A 118 -7.33 -6.47 20.79
CA LEU A 118 -6.31 -5.82 19.93
C LEU A 118 -6.52 -4.30 19.93
N TRP A 119 -7.76 -3.80 19.84
CA TRP A 119 -8.05 -2.33 19.95
C TRP A 119 -7.54 -1.77 21.28
N LYS A 120 -7.67 -2.51 22.39
CA LYS A 120 -7.15 -2.08 23.70
C LYS A 120 -5.65 -1.97 23.66
N GLU A 121 -4.91 -2.97 23.15
CA GLU A 121 -3.44 -2.88 23.09
C GLU A 121 -3.05 -1.68 22.24
N LEU A 122 -3.76 -1.46 21.11
CA LEU A 122 -3.35 -0.41 20.14
C LEU A 122 -3.63 0.94 20.80
N GLY A 123 -4.66 0.99 21.66
CA GLY A 123 -5.16 2.18 22.37
C GLY A 123 -4.41 2.50 23.66
N LYS A 124 -3.59 1.60 24.19
CA LYS A 124 -2.89 1.85 25.49
C LYS A 124 -2.01 3.12 25.44
N LYS A 125 -1.29 3.36 24.35
CA LYS A 125 -0.37 4.52 24.24
C LYS A 125 -0.83 5.50 23.15
N LYS A 126 -2.12 5.49 22.77
CA LYS A 126 -2.65 6.39 21.73
C LYS A 126 -4.00 6.90 22.20
N THR A 127 -4.38 8.09 21.71
CA THR A 127 -5.69 8.73 22.04
C THR A 127 -6.44 9.00 20.75
N PRO A 128 -7.58 8.34 20.51
CA PRO A 128 -8.39 8.65 19.34
C PRO A 128 -8.79 10.12 19.38
N ARG A 129 -8.91 10.73 18.21
CA ARG A 129 -9.20 12.18 18.07
C ARG A 129 -9.65 12.45 16.64
N MET A 130 -10.39 13.55 16.43
CA MET A 130 -10.84 13.99 15.10
C MET A 130 -9.68 14.65 14.39
N CYS A 131 -9.61 14.46 13.07
CA CYS A 131 -8.68 15.17 12.17
C CYS A 131 -9.42 16.43 11.67
N THR A 132 -8.69 17.47 11.25
CA THR A 132 -9.28 18.82 11.12
C THR A 132 -9.33 19.25 9.67
N ARG A 133 -10.30 20.11 9.34
CA ARG A 133 -10.37 20.85 8.04
C ARG A 133 -8.96 21.36 7.71
N GLU A 134 -8.30 21.93 8.72
CA GLU A 134 -6.95 22.52 8.59
C GLU A 134 -6.00 21.42 8.12
N GLU A 135 -6.00 20.24 8.78
CA GLU A 135 -5.12 19.09 8.41
C GLU A 135 -5.46 18.59 7.01
N PHE A 136 -6.76 18.49 6.70
CA PHE A 136 -7.28 18.03 5.39
C PHE A 136 -6.78 18.97 4.29
N THR A 137 -6.99 20.27 4.48
CA THR A 137 -6.54 21.36 3.58
C THR A 137 -5.03 21.21 3.29
N ARG A 138 -4.23 21.00 4.33
CA ARG A 138 -2.75 20.92 4.16
C ARG A 138 -2.43 19.71 3.26
N LYS A 139 -3.11 18.58 3.48
CA LYS A 139 -2.95 17.37 2.65
C LYS A 139 -3.16 17.70 1.16
N VAL A 140 -4.31 18.30 0.83
CA VAL A 140 -4.74 18.55 -0.58
C VAL A 140 -3.73 19.51 -1.25
N ARG A 141 -3.16 20.45 -0.47
CA ARG A 141 -2.22 21.49 -0.98
C ARG A 141 -0.79 20.94 -1.06
N SER A 142 -0.57 19.65 -0.79
CA SER A 142 0.73 18.96 -1.00
C SER A 142 0.52 17.59 -1.68
N ASN A 143 -0.62 17.39 -2.35
CA ASN A 143 -0.88 16.28 -3.30
C ASN A 143 -0.70 14.91 -2.64
N ALA A 144 -1.62 14.52 -1.76
CA ALA A 144 -1.83 13.11 -1.33
C ALA A 144 -2.98 12.54 -2.15
N ALA A 145 -2.87 11.27 -2.56
CA ALA A 145 -3.91 10.55 -3.34
C ALA A 145 -5.11 10.27 -2.44
N LEU A 146 -6.01 11.25 -2.29
CA LEU A 146 -7.21 11.17 -1.40
C LEU A 146 -8.45 10.78 -2.23
N GLY A 147 -8.26 10.02 -3.32
CA GLY A 147 -9.31 9.52 -4.22
C GLY A 147 -10.60 10.33 -4.17
N ALA A 148 -10.62 11.52 -4.78
CA ALA A 148 -11.82 12.38 -4.95
C ALA A 148 -12.24 12.36 -6.44
N ILE A 149 -13.18 13.24 -6.84
CA ILE A 149 -13.68 13.35 -8.25
C ILE A 149 -13.67 14.82 -8.70
N PHE A 150 -13.78 15.04 -10.03
CA PHE A 150 -13.79 16.38 -10.68
C PHE A 150 -15.12 17.08 -10.38
N ASN A 154 -20.07 17.57 -10.72
CA ASN A 154 -18.92 18.50 -10.59
C ASN A 154 -19.42 19.89 -10.15
N LYS A 155 -18.49 20.82 -9.89
CA LYS A 155 -18.76 22.20 -9.41
C LYS A 155 -17.44 23.00 -9.38
N TRP A 156 -16.39 22.47 -8.75
CA TRP A 156 -14.99 23.01 -8.74
C TRP A 156 -14.11 22.14 -9.64
N LYS A 157 -13.02 22.69 -10.17
CA LYS A 157 -12.10 21.95 -11.09
C LYS A 157 -11.41 20.82 -10.31
N SER A 158 -10.41 21.16 -9.48
CA SER A 158 -9.56 20.22 -8.73
C SER A 158 -9.95 20.22 -7.24
N ALA A 159 -9.30 19.37 -6.44
CA ALA A 159 -9.44 19.31 -4.98
C ALA A 159 -8.96 20.63 -4.35
N ARG A 160 -7.82 21.14 -4.83
CA ARG A 160 -7.20 22.41 -4.36
C ARG A 160 -8.25 23.54 -4.28
N GLU A 161 -9.17 23.63 -5.25
CA GLU A 161 -10.12 24.78 -5.40
C GLU A 161 -11.29 24.65 -4.41
N ALA A 162 -11.86 23.45 -4.26
CA ALA A 162 -13.02 23.17 -3.39
C ALA A 162 -12.71 23.56 -1.94
N VAL A 163 -11.46 23.36 -1.53
CA VAL A 163 -11.00 23.42 -0.11
C VAL A 163 -10.98 24.89 0.37
N GLU A 164 -10.78 25.86 -0.54
CA GLU A 164 -10.67 27.29 -0.20
C GLU A 164 -12.06 27.96 -0.23
N ASP A 165 -13.03 27.37 -0.96
CA ASP A 165 -14.40 27.90 -1.15
C ASP A 165 -15.33 27.38 -0.05
N SER A 166 -15.99 28.30 0.66
CA SER A 166 -16.84 28.03 1.86
C SER A 166 -18.15 27.35 1.48
N GLY A 167 -18.57 27.41 0.22
CA GLY A 167 -19.76 26.70 -0.31
C GLY A 167 -19.64 25.21 -0.06
N PHE A 168 -18.53 24.62 -0.52
CA PHE A 168 -18.08 23.24 -0.19
C PHE A 168 -18.38 22.93 1.27
N TRP A 169 -17.74 23.65 2.20
CA TRP A 169 -17.80 23.33 3.65
C TRP A 169 -19.25 23.37 4.15
N GLU A 170 -20.13 24.12 3.48
CA GLU A 170 -21.59 24.15 3.79
C GLU A 170 -22.20 22.81 3.35
N LEU A 171 -21.77 22.30 2.19
CA LEU A 171 -22.19 20.96 1.69
C LEU A 171 -21.72 19.93 2.73
N VAL A 172 -20.43 19.97 3.07
CA VAL A 172 -19.77 19.15 4.14
C VAL A 172 -20.60 19.26 5.42
N ASP A 173 -20.91 20.49 5.85
CA ASP A 173 -21.72 20.76 7.08
C ASP A 173 -23.07 20.03 6.98
N LYS A 174 -23.79 20.19 5.86
CA LYS A 174 -25.16 19.62 5.72
C LYS A 174 -25.06 18.11 6.00
N GLU A 175 -24.14 17.42 5.31
CA GLU A 175 -23.95 15.95 5.40
C GLU A 175 -23.53 15.58 6.83
N ARG A 176 -22.59 16.33 7.40
CA ARG A 176 -22.06 16.14 8.77
C ARG A 176 -23.23 16.09 9.75
N ASN A 177 -24.11 17.10 9.73
CA ASN A 177 -25.31 17.18 10.61
C ASN A 177 -26.25 16.00 10.28
N LEU A 178 -26.35 15.62 9.01
CA LEU A 178 -27.13 14.42 8.56
C LEU A 178 -26.57 13.14 9.19
N HIS A 179 -25.25 12.95 9.23
CA HIS A 179 -24.59 11.77 9.90
C HIS A 179 -24.90 11.77 11.41
N LEU A 180 -24.80 12.92 12.09
CA LEU A 180 -25.15 13.05 13.54
C LEU A 180 -26.62 12.62 13.74
N GLU A 181 -27.46 12.81 12.73
CA GLU A 181 -28.89 12.42 12.71
C GLU A 181 -29.02 10.94 12.26
N GLY A 182 -27.91 10.25 11.98
CA GLY A 182 -27.87 8.81 11.65
C GLY A 182 -28.30 8.49 10.23
N LYS A 183 -28.13 9.44 9.30
CA LYS A 183 -28.63 9.37 7.89
C LYS A 183 -27.52 9.86 6.95
N CYS A 184 -27.59 9.51 5.67
CA CYS A 184 -26.57 9.83 4.63
C CYS A 184 -27.26 10.21 3.31
N GLU A 185 -26.78 11.24 2.62
CA GLU A 185 -27.38 11.68 1.33
C GLU A 185 -26.37 11.63 0.17
N THR A 186 -25.08 11.86 0.40
CA THR A 186 -24.13 12.11 -0.71
C THR A 186 -22.86 11.23 -0.63
N CYS A 187 -22.71 10.37 0.37
CA CYS A 187 -21.53 9.46 0.50
C CYS A 187 -21.73 8.19 -0.35
N VAL A 188 -21.43 8.32 -1.65
CA VAL A 188 -21.65 7.29 -2.72
C VAL A 188 -20.31 6.94 -3.39
N TYR A 189 -20.02 5.66 -3.57
CA TYR A 189 -18.76 5.18 -4.19
C TYR A 189 -18.87 5.20 -5.71
N ASN A 190 -17.74 5.37 -6.38
CA ASN A 190 -17.53 5.24 -7.86
C ASN A 190 -16.43 4.21 -8.16
N MET A 191 -16.76 3.14 -8.88
CA MET A 191 -15.86 1.98 -9.13
C MET A 191 -14.98 2.27 -10.35
N MET A 192 -13.71 1.83 -10.32
CA MET A 192 -12.73 1.95 -11.46
C MET A 192 -11.50 1.08 -11.18
N SER A 208 -6.31 -7.71 -10.21
CA SER A 208 -6.77 -7.85 -8.80
C SER A 208 -6.70 -6.49 -8.08
N ARG A 209 -7.25 -5.44 -8.72
CA ARG A 209 -7.35 -4.05 -8.19
C ARG A 209 -8.76 -3.51 -8.47
N ALA A 210 -9.27 -2.64 -7.58
CA ALA A 210 -10.60 -2.01 -7.66
C ALA A 210 -10.64 -0.79 -6.72
N ILE A 211 -10.67 0.43 -7.29
CA ILE A 211 -10.54 1.72 -6.53
C ILE A 211 -11.91 2.42 -6.50
N TRP A 212 -12.27 2.93 -5.33
CA TRP A 212 -13.61 3.49 -5.01
C TRP A 212 -13.45 4.98 -4.71
N TYR A 213 -13.37 5.82 -5.74
CA TYR A 213 -13.37 7.30 -5.62
C TYR A 213 -14.72 7.78 -5.07
N MET A 214 -14.69 8.64 -4.05
CA MET A 214 -15.87 9.40 -3.55
C MET A 214 -15.65 10.87 -3.90
N TRP A 215 -16.62 11.74 -3.66
CA TRP A 215 -16.42 13.21 -3.78
C TRP A 215 -15.65 13.70 -2.53
N LEU A 216 -14.86 14.76 -2.70
CA LEU A 216 -13.96 15.29 -1.65
C LEU A 216 -14.69 15.41 -0.30
N GLY A 217 -15.97 15.78 -0.32
CA GLY A 217 -16.82 15.99 0.87
C GLY A 217 -16.91 14.74 1.73
N ALA A 218 -17.28 13.61 1.13
CA ALA A 218 -17.39 12.30 1.82
C ALA A 218 -16.00 11.86 2.30
N ARG A 219 -14.95 12.17 1.51
CA ARG A 219 -13.54 11.84 1.85
C ARG A 219 -13.10 12.61 3.09
N PHE A 220 -13.52 13.88 3.19
CA PHE A 220 -13.20 14.71 4.39
C PHE A 220 -13.82 14.04 5.61
N LEU A 221 -15.11 13.75 5.54
CA LEU A 221 -15.90 13.18 6.66
C LEU A 221 -15.30 11.84 7.09
N GLU A 222 -14.82 11.03 6.14
CA GLU A 222 -14.07 9.79 6.45
C GLU A 222 -12.78 10.17 7.21
N PHE A 223 -12.04 11.18 6.73
CA PHE A 223 -10.73 11.62 7.31
C PHE A 223 -10.93 12.18 8.71
N GLU A 224 -11.98 12.96 8.91
CA GLU A 224 -12.34 13.58 10.21
C GLU A 224 -12.45 12.49 11.28
N ALA A 225 -13.11 11.39 10.95
CA ALA A 225 -13.55 10.37 11.93
C ALA A 225 -12.47 9.30 12.12
N LEU A 226 -11.67 8.99 11.10
CA LEU A 226 -10.84 7.76 11.07
C LEU A 226 -9.39 8.04 10.64
N GLY A 227 -9.07 9.28 10.26
CA GLY A 227 -7.71 9.67 9.81
C GLY A 227 -6.68 9.49 10.89
N PHE A 228 -7.12 9.56 12.14
CA PHE A 228 -6.21 9.43 13.31
C PHE A 228 -5.42 8.12 13.23
N LEU A 229 -6.02 7.06 12.71
CA LEU A 229 -5.35 5.72 12.61
C LEU A 229 -4.02 5.87 11.88
N ASN A 230 -4.01 6.58 10.76
CA ASN A 230 -2.79 6.85 9.96
C ASN A 230 -2.03 8.07 10.50
N GLU A 231 -2.73 9.19 10.75
CA GLU A 231 -2.06 10.47 11.12
C GLU A 231 -1.26 10.27 12.42
N ASP A 232 -1.73 9.43 13.35
CA ASP A 232 -1.09 9.24 14.68
C ASP A 232 -0.44 7.85 14.76
N HIS A 233 -0.28 7.18 13.61
CA HIS A 233 0.63 6.01 13.46
C HIS A 233 0.22 4.87 14.41
N TRP A 234 -1.04 4.48 14.40
CA TRP A 234 -1.58 3.37 15.25
C TRP A 234 -0.90 2.03 14.85
N PHE A 235 -0.49 1.89 13.58
CA PHE A 235 0.13 0.68 13.01
C PHE A 235 1.65 0.84 12.84
N SER A 236 2.28 1.81 13.50
CA SER A 236 3.76 1.82 13.66
C SER A 236 4.19 0.50 14.29
N ARG A 237 5.42 0.05 14.06
CA ARG A 237 5.92 -1.17 14.75
C ARG A 237 5.99 -0.94 16.27
N GLU A 238 6.45 0.23 16.72
CA GLU A 238 6.55 0.56 18.16
C GLU A 238 5.16 0.38 18.80
N ASN A 239 4.10 0.82 18.14
CA ASN A 239 2.76 0.82 18.75
C ASN A 239 2.02 -0.52 18.62
N SER A 240 2.05 -1.19 17.45
CA SER A 240 1.23 -2.39 17.10
C SER A 240 2.03 -3.71 17.19
N LEU A 241 3.37 -3.67 17.24
CA LEU A 241 4.37 -4.78 17.34
C LEU A 241 4.45 -5.59 16.04
N SER A 242 3.33 -5.82 15.34
CA SER A 242 3.29 -6.55 14.05
C SER A 242 3.43 -5.58 12.88
N GLY A 243 2.91 -4.36 13.03
CA GLY A 243 2.81 -3.38 11.93
C GLY A 243 4.17 -2.85 11.49
N VAL A 244 4.18 -2.22 10.32
CA VAL A 244 5.38 -1.58 9.73
C VAL A 244 4.99 -0.20 9.15
N GLU A 245 3.88 0.40 9.59
CA GLU A 245 3.44 1.74 9.04
C GLU A 245 4.55 2.77 9.29
N GLY A 246 4.95 3.50 8.25
CA GLY A 246 6.01 4.52 8.37
C GLY A 246 7.42 3.95 8.32
N GLU A 247 7.59 2.63 8.14
CA GLU A 247 8.89 2.03 8.46
C GLU A 247 9.86 2.34 7.31
N GLY A 248 9.48 2.22 6.03
CA GLY A 248 10.47 2.48 4.94
C GLY A 248 11.17 1.19 4.47
N LEU A 249 11.44 1.11 3.17
N LEU A 249 11.41 1.08 3.15
CA LEU A 249 11.96 -0.09 2.48
CA LEU A 249 11.97 -0.13 2.50
C LEU A 249 13.34 -0.47 3.01
C LEU A 249 13.33 -0.50 3.11
N HIS A 250 14.11 0.51 3.52
CA HIS A 250 15.46 0.32 4.09
C HIS A 250 15.39 -0.25 5.51
N LYS A 251 14.16 -0.41 6.04
CA LYS A 251 13.96 -0.93 7.42
C LYS A 251 13.33 -2.34 7.38
N LEU A 252 12.60 -2.65 6.30
CA LEU A 252 11.76 -3.87 6.25
C LEU A 252 12.64 -5.13 6.35
N GLY A 253 13.80 -5.12 5.68
CA GLY A 253 14.73 -6.25 5.72
C GLY A 253 15.27 -6.49 7.14
N TYR A 254 15.66 -5.43 7.81
CA TYR A 254 16.14 -5.52 9.22
C TYR A 254 15.02 -6.03 10.12
N ILE A 255 13.79 -5.61 9.89
CA ILE A 255 12.64 -6.10 10.68
C ILE A 255 12.44 -7.62 10.44
N LEU A 256 12.49 -8.12 9.20
CA LEU A 256 12.35 -9.56 8.91
C LEU A 256 13.51 -10.32 9.56
N ARG A 257 14.74 -9.79 9.53
CA ARG A 257 15.90 -10.49 10.16
C ARG A 257 15.66 -10.54 11.67
N ASP A 258 15.06 -9.51 12.27
CA ASP A 258 14.79 -9.53 13.75
C ASP A 258 13.75 -10.64 14.06
N VAL A 259 12.71 -10.79 13.26
CA VAL A 259 11.69 -11.85 13.40
C VAL A 259 12.38 -13.22 13.26
N SER A 260 13.32 -13.35 12.33
CA SER A 260 14.08 -14.60 12.10
C SER A 260 14.81 -15.03 13.38
N LYS A 261 15.20 -14.10 14.25
CA LYS A 261 16.05 -14.39 15.44
C LYS A 261 15.24 -15.09 16.54
N LYS A 262 13.92 -15.00 16.47
CA LYS A 262 13.00 -15.69 17.42
C LYS A 262 13.17 -17.20 17.25
N GLU A 263 13.09 -17.93 18.34
CA GLU A 263 12.96 -19.41 18.28
C GLU A 263 11.59 -19.72 17.63
N GLY A 264 11.52 -20.68 16.73
CA GLY A 264 10.22 -21.15 16.24
C GLY A 264 10.37 -21.92 14.95
N GLY A 265 9.30 -21.99 14.16
CA GLY A 265 9.30 -22.79 12.93
C GLY A 265 9.76 -22.00 11.71
N ALA A 266 9.34 -22.45 10.54
CA ALA A 266 9.57 -21.75 9.25
C ALA A 266 8.98 -20.34 9.33
N MET A 267 9.33 -19.48 8.37
CA MET A 267 8.64 -18.19 8.17
C MET A 267 7.59 -18.41 7.08
N TYR A 268 6.33 -18.11 7.39
CA TYR A 268 5.18 -18.27 6.48
C TYR A 268 4.79 -16.91 5.91
N ALA A 269 4.49 -16.89 4.62
CA ALA A 269 4.13 -15.66 3.90
C ALA A 269 3.03 -16.00 2.93
N ASP A 270 1.88 -16.38 3.44
CA ASP A 270 0.75 -16.81 2.59
C ASP A 270 0.01 -15.56 2.12
N ASP A 271 -0.14 -15.37 0.82
CA ASP A 271 -1.00 -14.30 0.24
C ASP A 271 -2.45 -14.78 0.30
N THR A 272 -3.38 -13.88 0.55
CA THR A 272 -4.84 -14.12 0.44
C THR A 272 -5.25 -13.84 -1.01
N ALA A 273 -6.13 -14.66 -1.55
CA ALA A 273 -6.80 -14.42 -2.86
C ALA A 273 -7.85 -13.32 -2.67
N GLY A 274 -7.62 -12.14 -3.25
CA GLY A 274 -8.53 -10.96 -3.26
C GLY A 274 -8.96 -10.54 -1.85
N TRP A 275 -8.00 -10.17 -1.00
CA TRP A 275 -8.27 -9.82 0.42
C TRP A 275 -9.52 -8.93 0.58
N ASP A 276 -9.63 -7.86 -0.21
CA ASP A 276 -10.70 -6.82 -0.06
C ASP A 276 -12.08 -7.47 -0.30
N THR A 277 -12.17 -8.47 -1.17
CA THR A 277 -13.44 -9.17 -1.50
C THR A 277 -13.82 -10.17 -0.39
N ARG A 278 -12.91 -10.52 0.51
CA ARG A 278 -13.13 -11.55 1.57
C ARG A 278 -13.37 -10.90 2.92
N ILE A 279 -13.51 -9.57 2.99
CA ILE A 279 -13.85 -8.87 4.25
C ILE A 279 -15.35 -9.11 4.52
N THR A 280 -15.67 -9.80 5.61
CA THR A 280 -17.06 -10.20 5.97
C THR A 280 -17.73 -9.06 6.73
N LEU A 281 -19.05 -9.11 6.88
CA LEU A 281 -19.79 -8.13 7.72
C LEU A 281 -19.30 -8.28 9.17
N GLU A 282 -18.87 -9.46 9.59
CA GLU A 282 -18.39 -9.69 10.99
C GLU A 282 -17.04 -8.97 11.19
N ASP A 283 -16.19 -9.01 10.15
CA ASP A 283 -14.93 -8.23 10.07
C ASP A 283 -15.23 -6.71 10.25
N LEU A 284 -16.16 -6.16 9.47
CA LEU A 284 -16.56 -4.72 9.53
C LEU A 284 -17.07 -4.34 10.93
N LYS A 285 -17.74 -5.26 11.64
CA LYS A 285 -18.29 -5.06 13.00
C LYS A 285 -17.17 -5.13 14.05
N ASN A 286 -16.18 -5.99 13.87
CA ASN A 286 -15.02 -6.01 14.80
C ASN A 286 -14.18 -4.74 14.58
N GLU A 287 -14.02 -4.29 13.34
CA GLU A 287 -13.27 -3.03 13.04
C GLU A 287 -13.97 -1.82 13.73
N GLU A 288 -15.30 -1.76 13.65
N GLU A 288 -15.30 -1.77 13.65
CA GLU A 288 -16.13 -0.67 14.21
CA GLU A 288 -16.17 -0.71 14.22
C GLU A 288 -15.91 -0.53 15.72
C GLU A 288 -15.94 -0.55 15.72
N MET A 289 -15.48 -1.60 16.40
CA MET A 289 -15.25 -1.57 17.88
C MET A 289 -14.19 -0.53 18.26
N VAL A 290 -13.44 0.03 17.30
CA VAL A 290 -12.51 1.14 17.64
C VAL A 290 -13.33 2.30 18.25
N THR A 291 -14.58 2.52 17.81
CA THR A 291 -15.50 3.57 18.37
C THR A 291 -15.72 3.39 19.88
N ASN A 292 -15.57 2.18 20.42
CA ASN A 292 -15.70 1.92 21.89
C ASN A 292 -14.67 2.74 22.68
N HIS A 293 -13.60 3.24 22.03
CA HIS A 293 -12.49 3.97 22.71
C HIS A 293 -12.62 5.48 22.49
N MET A 294 -13.70 5.90 21.83
CA MET A 294 -13.96 7.30 21.43
C MET A 294 -14.97 7.93 22.41
N GLU A 295 -15.26 9.22 22.24
CA GLU A 295 -16.24 9.95 23.09
C GLU A 295 -16.81 11.14 22.32
N GLY A 296 -17.95 11.62 22.82
CA GLY A 296 -18.64 12.84 22.35
C GLY A 296 -19.01 12.73 20.89
N GLU A 297 -18.87 13.86 20.18
CA GLU A 297 -19.08 14.04 18.73
C GLU A 297 -18.32 12.94 17.96
N HIS A 298 -17.02 12.80 18.22
CA HIS A 298 -16.12 11.88 17.46
C HIS A 298 -16.75 10.50 17.40
N LYS A 299 -17.12 9.94 18.56
CA LYS A 299 -17.72 8.60 18.67
C LYS A 299 -18.91 8.51 17.72
N LYS A 300 -19.75 9.55 17.67
CA LYS A 300 -20.98 9.55 16.84
C LYS A 300 -20.59 9.68 15.36
N LEU A 301 -19.62 10.54 15.06
CA LEU A 301 -19.15 10.76 13.67
C LEU A 301 -18.52 9.44 13.13
N ALA A 302 -17.71 8.74 13.93
CA ALA A 302 -17.04 7.47 13.56
C ALA A 302 -18.09 6.39 13.34
N GLU A 303 -19.08 6.31 14.24
CA GLU A 303 -20.18 5.29 14.19
C GLU A 303 -20.94 5.44 12.87
N ALA A 304 -21.17 6.66 12.42
CA ALA A 304 -21.90 6.96 11.16
C ALA A 304 -21.08 6.50 9.96
N ILE A 305 -19.77 6.76 9.94
CA ILE A 305 -18.91 6.32 8.81
C ILE A 305 -19.05 4.78 8.71
N PHE A 306 -18.83 4.06 9.80
CA PHE A 306 -18.86 2.57 9.83
C PHE A 306 -20.25 2.07 9.39
N LYS A 307 -21.34 2.58 9.99
CA LYS A 307 -22.75 2.17 9.72
C LYS A 307 -23.19 2.53 8.30
N LEU A 308 -22.98 3.77 7.87
CA LEU A 308 -23.69 4.34 6.71
C LEU A 308 -22.90 4.16 5.43
N THR A 309 -21.56 4.13 5.51
CA THR A 309 -20.68 4.08 4.30
C THR A 309 -19.93 2.75 4.19
N TYR A 310 -19.62 2.07 5.29
CA TYR A 310 -18.76 0.84 5.25
C TYR A 310 -19.64 -0.41 5.29
N GLN A 311 -20.58 -0.47 6.24
CA GLN A 311 -21.45 -1.65 6.51
C GLN A 311 -22.72 -1.58 5.64
N ASN A 312 -22.91 -0.47 4.92
CA ASN A 312 -23.88 -0.27 3.80
C ASN A 312 -23.18 0.64 2.78
N LYS A 313 -23.20 0.30 1.50
CA LYS A 313 -22.45 1.04 0.46
C LYS A 313 -23.36 1.27 -0.74
N VAL A 314 -23.14 2.36 -1.46
CA VAL A 314 -23.85 2.70 -2.72
C VAL A 314 -22.77 3.01 -3.74
N VAL A 315 -22.83 2.36 -4.89
CA VAL A 315 -21.75 2.44 -5.90
C VAL A 315 -22.33 2.69 -7.28
N ARG A 316 -21.59 3.42 -8.11
CA ARG A 316 -21.95 3.72 -9.51
C ARG A 316 -20.85 3.15 -10.43
N VAL A 317 -21.24 2.28 -11.37
CA VAL A 317 -20.30 1.48 -12.20
C VAL A 317 -20.58 1.73 -13.69
N GLN A 318 -19.53 1.90 -14.49
CA GLN A 318 -19.57 2.03 -15.97
C GLN A 318 -19.82 0.66 -16.60
N ARG A 319 -20.94 0.50 -17.32
CA ARG A 319 -21.26 -0.71 -18.13
C ARG A 319 -21.37 -0.30 -19.60
N PRO A 320 -20.60 -0.92 -20.54
CA PRO A 320 -20.61 -0.52 -21.95
C PRO A 320 -21.91 -0.78 -22.74
N THR A 321 -22.73 -1.74 -22.29
CA THR A 321 -24.00 -2.16 -22.94
C THR A 321 -24.90 -0.94 -23.16
N THR A 325 -23.29 2.84 -23.19
CA THR A 325 -22.69 3.02 -21.83
C THR A 325 -23.74 3.64 -20.88
N VAL A 326 -24.18 2.88 -19.87
CA VAL A 326 -25.05 3.38 -18.76
C VAL A 326 -24.25 3.37 -17.46
N MET A 327 -24.85 3.93 -16.39
CA MET A 327 -24.30 3.92 -15.01
C MET A 327 -25.24 3.11 -14.11
N ASP A 328 -24.72 2.07 -13.46
CA ASP A 328 -25.48 1.16 -12.57
C ASP A 328 -25.32 1.61 -11.12
N ILE A 329 -26.42 1.68 -10.39
CA ILE A 329 -26.46 2.07 -8.96
C ILE A 329 -26.75 0.80 -8.17
N ILE A 330 -25.68 0.22 -7.64
CA ILE A 330 -25.67 -1.11 -6.97
C ILE A 330 -25.28 -0.89 -5.51
N SER A 331 -25.73 -1.76 -4.62
CA SER A 331 -25.45 -1.69 -3.16
C SER A 331 -25.00 -3.06 -2.65
N ARG A 332 -24.20 -3.09 -1.58
CA ARG A 332 -23.91 -4.31 -0.81
C ARG A 332 -23.41 -3.91 0.57
N ARG A 333 -23.43 -4.85 1.50
CA ARG A 333 -23.20 -4.59 2.94
C ARG A 333 -21.73 -4.88 3.31
N ASP A 334 -21.07 -5.81 2.62
CA ASP A 334 -19.75 -6.38 3.01
C ASP A 334 -18.68 -6.04 1.96
N GLN A 335 -17.47 -6.62 2.13
CA GLN A 335 -16.26 -6.30 1.35
C GLN A 335 -15.69 -4.95 1.79
N ARG A 336 -14.44 -4.70 1.42
CA ARG A 336 -13.72 -3.43 1.64
C ARG A 336 -13.99 -2.49 0.47
N GLY A 337 -14.38 -1.27 0.81
CA GLY A 337 -14.62 -0.13 -0.09
C GLY A 337 -14.62 1.12 0.78
N SER A 338 -13.43 1.61 1.05
CA SER A 338 -13.13 2.76 1.93
C SER A 338 -12.04 3.56 1.25
N GLY A 339 -11.56 4.62 1.88
CA GLY A 339 -10.33 5.31 1.44
C GLY A 339 -9.16 4.35 1.46
N GLN A 340 -8.22 4.51 0.53
CA GLN A 340 -7.03 3.64 0.43
C GLN A 340 -6.24 3.70 1.75
N VAL A 341 -6.16 4.86 2.41
CA VAL A 341 -5.35 5.00 3.66
C VAL A 341 -6.11 4.35 4.83
N VAL A 342 -7.42 4.60 4.96
CA VAL A 342 -8.22 3.87 5.99
C VAL A 342 -8.23 2.36 5.64
N THR A 343 -8.34 2.01 4.37
CA THR A 343 -8.27 0.59 3.94
C THR A 343 -6.98 -0.06 4.44
N TYR A 344 -5.84 0.62 4.32
CA TYR A 344 -4.53 0.08 4.74
C TYR A 344 -4.61 -0.27 6.23
N GLY A 345 -5.04 0.66 7.10
CA GLY A 345 -5.01 0.45 8.56
C GLY A 345 -5.96 -0.64 9.02
N LEU A 346 -7.17 -0.70 8.46
CA LEU A 346 -8.16 -1.71 8.87
C LEU A 346 -7.78 -3.10 8.29
N ASN A 347 -7.23 -3.17 7.08
CA ASN A 347 -6.60 -4.41 6.53
C ASN A 347 -5.50 -4.86 7.48
N THR A 348 -4.60 -3.98 7.92
CA THR A 348 -3.53 -4.37 8.86
C THR A 348 -4.18 -4.95 10.13
N PHE A 349 -5.20 -4.26 10.66
CA PHE A 349 -5.88 -4.64 11.93
C PHE A 349 -6.44 -6.08 11.81
N THR A 350 -7.24 -6.31 10.77
CA THR A 350 -8.00 -7.57 10.60
C THR A 350 -7.02 -8.69 10.24
N ASN A 351 -5.95 -8.37 9.51
CA ASN A 351 -4.88 -9.36 9.19
C ASN A 351 -4.16 -9.71 10.49
N MET A 352 -3.86 -8.75 11.36
CA MET A 352 -3.16 -9.06 12.63
C MET A 352 -4.06 -10.03 13.41
N GLU A 353 -5.36 -9.77 13.40
CA GLU A 353 -6.37 -10.55 14.17
C GLU A 353 -6.40 -11.99 13.64
N ALA A 354 -6.58 -12.14 12.34
CA ALA A 354 -6.61 -13.43 11.63
C ALA A 354 -5.35 -14.24 11.92
N GLN A 355 -4.17 -13.60 11.86
CA GLN A 355 -2.91 -14.33 12.03
C GLN A 355 -2.70 -14.73 13.51
N LEU A 356 -3.14 -13.94 14.48
CA LEU A 356 -3.06 -14.36 15.93
C LEU A 356 -3.94 -15.60 16.14
N ILE A 357 -5.12 -15.61 15.50
CA ILE A 357 -6.08 -16.75 15.60
C ILE A 357 -5.45 -17.97 14.92
N ARG A 358 -4.88 -17.83 13.70
CA ARG A 358 -4.17 -18.96 13.07
C ARG A 358 -3.08 -19.45 14.01
N GLN A 359 -2.32 -18.56 14.65
CA GLN A 359 -1.33 -18.96 15.68
C GLN A 359 -2.05 -19.72 16.82
N MET A 360 -3.19 -19.24 17.33
CA MET A 360 -3.89 -19.93 18.45
C MET A 360 -4.24 -21.38 18.02
N GLU A 361 -4.75 -21.55 16.80
CA GLU A 361 -5.14 -22.87 16.26
C GLU A 361 -3.91 -23.78 16.24
N GLY A 362 -2.76 -23.30 15.79
CA GLY A 362 -1.55 -24.14 15.69
C GLY A 362 -1.09 -24.60 17.07
N GLU A 363 -1.28 -23.74 18.08
CA GLU A 363 -0.80 -23.98 19.47
C GLU A 363 -1.85 -24.78 20.27
N GLY A 364 -2.99 -25.10 19.69
CA GLY A 364 -4.03 -25.92 20.33
C GLY A 364 -4.81 -25.18 21.40
N VAL A 365 -4.97 -23.85 21.28
CA VAL A 365 -5.62 -23.01 22.33
C VAL A 365 -7.11 -23.35 22.36
N PHE A 366 -7.70 -23.62 21.19
CA PHE A 366 -9.10 -24.09 21.00
C PHE A 366 -9.08 -25.35 20.13
N LYS A 367 -10.13 -26.17 20.21
CA LYS A 367 -10.16 -27.52 19.60
C LYS A 367 -10.91 -27.45 18.26
N SER A 368 -11.98 -26.66 18.19
CA SER A 368 -12.85 -26.58 16.99
C SER A 368 -13.53 -25.22 16.88
N ILE A 369 -13.75 -24.80 15.64
CA ILE A 369 -14.34 -23.49 15.26
C ILE A 369 -15.86 -23.58 15.31
N GLN A 370 -16.40 -24.81 15.46
CA GLN A 370 -17.87 -25.03 15.46
C GLN A 370 -18.45 -24.23 16.63
N HIS A 371 -17.76 -24.25 17.77
CA HIS A 371 -18.25 -23.71 19.06
C HIS A 371 -17.09 -23.65 20.06
N LEU A 372 -16.91 -22.49 20.69
CA LEU A 372 -16.02 -22.32 21.87
C LEU A 372 -16.85 -22.67 23.11
N THR A 373 -16.30 -23.51 23.97
CA THR A 373 -16.86 -23.80 25.31
C THR A 373 -16.59 -22.56 26.17
N VAL A 374 -17.17 -22.50 27.37
CA VAL A 374 -17.01 -21.34 28.30
C VAL A 374 -15.52 -21.24 28.66
N THR A 375 -14.86 -22.38 28.90
CA THR A 375 -13.49 -22.46 29.43
C THR A 375 -12.47 -22.24 28.29
N GLU A 376 -12.87 -22.48 27.03
CA GLU A 376 -12.04 -22.15 25.85
C GLU A 376 -11.95 -20.62 25.75
N GLU A 377 -13.08 -19.91 25.93
CA GLU A 377 -13.12 -18.42 25.94
C GLU A 377 -12.07 -17.89 26.93
N ILE A 378 -12.06 -18.39 28.16
CA ILE A 378 -11.12 -17.90 29.21
C ILE A 378 -9.68 -18.27 28.83
N ALA A 379 -9.47 -19.42 28.18
CA ALA A 379 -8.15 -19.88 27.68
C ALA A 379 -7.60 -18.91 26.60
N VAL A 380 -8.44 -18.56 25.63
CA VAL A 380 -8.16 -17.61 24.52
C VAL A 380 -7.81 -16.25 25.14
N LYS A 381 -8.69 -15.71 25.99
CA LYS A 381 -8.46 -14.43 26.71
C LYS A 381 -7.10 -14.49 27.42
N ASN A 382 -6.82 -15.61 28.09
CA ASN A 382 -5.62 -15.77 28.95
C ASN A 382 -4.36 -15.91 28.09
N TRP A 383 -4.46 -16.60 26.96
CA TRP A 383 -3.35 -16.68 25.95
C TRP A 383 -2.96 -15.24 25.53
N LEU A 384 -3.97 -14.46 25.13
CA LEU A 384 -3.82 -13.04 24.68
C LEU A 384 -3.09 -12.22 25.74
N VAL A 385 -3.58 -12.24 26.99
CA VAL A 385 -3.00 -11.46 28.12
C VAL A 385 -1.59 -11.97 28.37
N ARG A 386 -1.39 -13.28 28.36
CA ARG A 386 -0.11 -13.92 28.75
C ARG A 386 0.94 -13.76 27.62
N VAL A 387 0.61 -14.03 26.36
CA VAL A 387 1.65 -14.14 25.28
C VAL A 387 1.32 -13.30 24.04
N GLY A 388 0.16 -12.63 23.99
CA GLY A 388 -0.37 -11.88 22.82
C GLY A 388 0.70 -10.96 22.23
N ARG A 389 1.37 -10.18 23.07
CA ARG A 389 2.35 -9.16 22.60
C ARG A 389 3.55 -9.91 22.02
N GLU A 390 3.96 -11.03 22.64
CA GLU A 390 5.09 -11.85 22.11
C GLU A 390 4.70 -12.35 20.71
N ARG A 391 3.43 -12.74 20.53
CA ARG A 391 2.96 -13.41 19.29
C ARG A 391 2.84 -12.34 18.19
N LEU A 392 2.51 -11.10 18.56
CA LEU A 392 2.42 -9.97 17.58
C LEU A 392 3.81 -9.69 17.04
N SER A 393 4.82 -9.80 17.89
CA SER A 393 6.22 -9.46 17.57
C SER A 393 6.81 -10.51 16.63
N ARG A 394 6.12 -11.65 16.44
CA ARG A 394 6.57 -12.75 15.54
C ARG A 394 6.07 -12.47 14.13
N MET A 395 5.41 -11.34 13.92
CA MET A 395 4.79 -11.02 12.60
C MET A 395 5.25 -9.65 12.06
N ALA A 396 5.27 -9.54 10.73
CA ALA A 396 5.39 -8.29 9.97
C ALA A 396 4.18 -8.22 9.04
N ILE A 397 3.31 -7.24 9.27
CA ILE A 397 2.01 -7.12 8.59
C ILE A 397 1.85 -5.71 8.01
N SER A 398 1.63 -5.67 6.70
CA SER A 398 1.41 -4.46 5.89
C SER A 398 0.11 -4.65 5.13
N GLY A 399 -1.00 -4.21 5.70
CA GLY A 399 -2.31 -4.47 5.06
C GLY A 399 -2.55 -5.96 4.88
N ASP A 400 -2.87 -6.41 3.65
CA ASP A 400 -3.18 -7.83 3.39
C ASP A 400 -1.91 -8.67 3.32
N ASP A 401 -0.74 -8.07 3.49
CA ASP A 401 0.56 -8.76 3.29
C ASP A 401 1.11 -9.15 4.65
N CYS A 402 1.46 -10.42 4.89
CA CYS A 402 2.02 -10.84 6.19
C CYS A 402 3.22 -11.76 6.02
N VAL A 403 4.07 -11.75 7.04
CA VAL A 403 5.12 -12.75 7.34
C VAL A 403 4.94 -13.12 8.81
N VAL A 404 4.84 -14.41 9.10
CA VAL A 404 4.63 -14.97 10.46
C VAL A 404 5.74 -15.99 10.75
N LYS A 405 6.43 -15.83 11.87
CA LYS A 405 7.32 -16.89 12.41
C LYS A 405 6.68 -17.48 13.67
N PRO A 406 5.84 -18.52 13.49
CA PRO A 406 5.11 -19.11 14.62
C PRO A 406 6.03 -19.90 15.54
N LEU A 407 5.46 -20.27 16.69
CA LEU A 407 6.18 -21.06 17.73
C LEU A 407 6.73 -22.37 17.12
N ASP A 408 6.04 -22.99 16.17
CA ASP A 408 6.51 -24.27 15.54
C ASP A 408 5.75 -24.47 14.23
N ASP A 409 5.98 -25.57 13.53
CA ASP A 409 5.36 -25.75 12.18
C ASP A 409 3.94 -26.34 12.24
N ARG A 410 3.34 -26.53 13.41
CA ARG A 410 1.90 -26.93 13.46
C ARG A 410 1.05 -25.90 12.70
N PHE A 411 1.45 -24.62 12.75
CA PHE A 411 0.84 -23.46 12.05
C PHE A 411 0.56 -23.80 10.59
N ALA A 412 1.49 -24.51 9.91
CA ALA A 412 1.40 -24.84 8.47
C ALA A 412 0.07 -25.53 8.10
N SER A 413 -0.43 -26.40 8.98
CA SER A 413 -1.65 -27.24 8.75
C SER A 413 -2.79 -26.78 9.65
N ALA A 414 -2.72 -25.56 10.21
CA ALA A 414 -3.80 -24.98 11.04
C ALA A 414 -4.61 -24.04 10.15
N LEU A 415 -5.61 -24.59 9.46
CA LEU A 415 -6.29 -23.91 8.31
C LEU A 415 -7.79 -23.75 8.56
N THR A 416 -8.35 -24.26 9.65
CA THR A 416 -9.84 -24.27 9.80
C THR A 416 -10.35 -22.85 10.05
N ALA A 417 -9.77 -22.13 11.01
CA ALA A 417 -10.19 -20.72 11.29
C ALA A 417 -9.88 -19.84 10.06
N LEU A 418 -8.68 -19.95 9.47
CA LEU A 418 -8.27 -19.09 8.34
C LEU A 418 -9.29 -19.22 7.20
N ASN A 419 -9.63 -20.47 6.82
CA ASN A 419 -10.59 -20.74 5.72
C ASN A 419 -11.99 -20.28 6.15
N ASP A 420 -12.41 -20.53 7.41
CA ASP A 420 -13.80 -20.18 7.84
C ASP A 420 -13.97 -18.65 7.98
N MET A 421 -12.91 -17.90 8.32
CA MET A 421 -12.95 -16.41 8.32
C MET A 421 -13.04 -15.89 6.88
N GLY A 422 -12.86 -16.75 5.86
CA GLY A 422 -12.90 -16.39 4.43
C GLY A 422 -11.56 -15.95 3.87
N LYS A 423 -10.48 -15.99 4.66
CA LYS A 423 -9.11 -15.57 4.23
C LYS A 423 -8.37 -16.72 3.53
N VAL A 424 -8.96 -17.17 2.41
CA VAL A 424 -8.49 -18.34 1.59
C VAL A 424 -7.18 -17.96 0.90
N ARG A 425 -6.17 -18.82 1.02
CA ARG A 425 -4.80 -18.63 0.49
C ARG A 425 -4.86 -18.71 -1.03
N LYS A 426 -4.03 -17.89 -1.71
CA LYS A 426 -3.84 -17.82 -3.18
C LYS A 426 -2.98 -19.02 -3.65
N ASP A 427 -3.31 -19.66 -4.78
CA ASP A 427 -2.37 -20.57 -5.51
C ASP A 427 -1.90 -21.77 -4.66
N ILE A 428 -2.81 -22.36 -3.89
CA ILE A 428 -2.61 -23.62 -3.10
C ILE A 428 -4.01 -24.13 -2.81
N GLN A 429 -4.21 -25.45 -2.68
CA GLN A 429 -5.56 -26.04 -2.47
C GLN A 429 -5.96 -25.85 -1.00
N GLN A 430 -7.25 -25.66 -0.78
CA GLN A 430 -7.83 -25.19 0.51
C GLN A 430 -7.15 -25.85 1.70
N TRP A 431 -6.88 -27.16 1.65
CA TRP A 431 -6.53 -27.96 2.85
C TRP A 431 -5.08 -28.45 2.80
N GLU A 432 -4.34 -28.07 1.75
CA GLU A 432 -2.90 -28.40 1.58
C GLU A 432 -2.10 -27.53 2.56
N PRO A 433 -1.22 -28.10 3.39
CA PRO A 433 -0.46 -27.30 4.35
C PRO A 433 0.39 -26.22 3.68
N SER A 434 0.55 -25.07 4.32
CA SER A 434 1.41 -23.97 3.82
C SER A 434 2.85 -24.47 3.69
N ARG A 435 3.56 -24.04 2.66
CA ARG A 435 5.03 -24.20 2.56
C ARG A 435 5.70 -22.95 3.15
N GLY A 436 6.55 -23.12 4.14
CA GLY A 436 7.28 -22.03 4.80
C GLY A 436 8.65 -21.82 4.18
N TRP A 437 9.33 -20.78 4.61
CA TRP A 437 10.67 -20.39 4.13
C TRP A 437 11.66 -20.66 5.26
N ASN A 438 12.78 -21.29 4.95
CA ASN A 438 13.83 -21.62 5.94
C ASN A 438 14.82 -20.48 6.12
N ASP A 439 14.85 -19.51 5.20
CA ASP A 439 15.87 -18.42 5.24
C ASP A 439 15.14 -17.08 5.06
N TRP A 440 15.29 -16.16 6.01
CA TRP A 440 14.63 -14.83 5.98
C TRP A 440 14.98 -14.06 4.68
N THR A 441 16.11 -14.38 4.04
CA THR A 441 16.55 -13.71 2.78
C THR A 441 15.77 -14.19 1.55
N GLN A 442 14.95 -15.23 1.69
CA GLN A 442 14.14 -15.83 0.60
C GLN A 442 12.66 -15.40 0.69
N VAL A 443 12.27 -14.88 1.89
CA VAL A 443 10.84 -14.54 2.20
C VAL A 443 10.40 -13.37 1.34
N PRO A 444 9.23 -13.44 0.65
CA PRO A 444 8.69 -12.28 -0.05
C PRO A 444 7.90 -11.38 0.93
N PHE A 445 8.03 -10.05 0.81
CA PHE A 445 7.29 -9.09 1.66
C PHE A 445 7.27 -7.75 0.95
N CYS A 446 6.07 -7.18 0.77
CA CYS A 446 5.85 -5.84 0.14
C CYS A 446 6.52 -5.79 -1.25
N SER A 447 6.38 -6.88 -2.02
CA SER A 447 6.86 -7.07 -3.41
C SER A 447 8.39 -7.16 -3.47
N HIS A 448 9.07 -7.38 -2.35
CA HIS A 448 10.56 -7.45 -2.31
C HIS A 448 11.05 -8.76 -1.67
N HIS A 449 12.34 -9.02 -1.79
CA HIS A 449 13.14 -9.86 -0.88
C HIS A 449 14.32 -9.02 -0.45
N PHE A 450 15.11 -9.55 0.49
CA PHE A 450 16.12 -8.78 1.23
C PHE A 450 17.42 -9.57 1.25
N HIS A 451 18.52 -8.87 0.95
CA HIS A 451 19.88 -9.42 0.95
C HIS A 451 20.66 -8.92 2.16
N GLU A 452 21.56 -9.74 2.68
CA GLU A 452 22.58 -9.33 3.70
C GLU A 452 23.87 -9.00 2.95
N LEU A 453 24.34 -7.77 3.04
CA LEU A 453 25.45 -7.27 2.19
C LEU A 453 26.52 -6.70 3.12
N ILE A 454 27.73 -7.24 3.05
CA ILE A 454 28.80 -6.85 4.00
C ILE A 454 29.71 -5.83 3.29
N MET A 455 29.84 -4.67 3.90
CA MET A 455 30.70 -3.57 3.41
C MET A 455 32.16 -3.97 3.61
N LYS A 456 33.04 -3.46 2.74
N LYS A 456 33.04 -3.46 2.74
CA LYS A 456 34.50 -3.72 2.79
CA LYS A 456 34.50 -3.74 2.79
C LYS A 456 35.03 -3.49 4.21
C LYS A 456 35.01 -3.52 4.23
N ASP A 457 34.36 -2.61 4.98
CA ASP A 457 34.77 -2.27 6.38
C ASP A 457 34.07 -3.16 7.44
N GLY A 458 33.35 -4.21 7.04
CA GLY A 458 32.77 -5.20 7.96
C GLY A 458 31.36 -4.85 8.41
N ARG A 459 30.86 -3.63 8.19
CA ARG A 459 29.51 -3.29 8.68
C ARG A 459 28.49 -4.01 7.78
N VAL A 460 27.31 -4.28 8.34
CA VAL A 460 26.27 -5.09 7.67
C VAL A 460 25.10 -4.22 7.25
N LEU A 461 24.82 -4.26 5.95
CA LEU A 461 23.61 -3.67 5.34
C LEU A 461 22.61 -4.79 5.04
N VAL A 462 21.34 -4.56 5.37
CA VAL A 462 20.21 -5.41 4.89
C VAL A 462 19.39 -4.56 3.90
N VAL A 463 19.47 -4.97 2.61
CA VAL A 463 19.00 -4.14 1.46
C VAL A 463 17.79 -4.77 0.79
N PRO A 464 16.86 -3.93 0.33
CA PRO A 464 15.67 -4.37 -0.42
C PRO A 464 16.01 -4.69 -1.89
N CYS A 465 15.32 -5.65 -2.47
CA CYS A 465 15.60 -6.14 -3.85
C CYS A 465 14.35 -6.72 -4.50
N ARG A 466 14.24 -6.58 -5.82
CA ARG A 466 13.28 -7.34 -6.61
C ARG A 466 13.81 -7.46 -8.02
N ASN A 467 13.15 -8.28 -8.82
CA ASN A 467 13.63 -8.56 -10.19
C ASN A 467 13.84 -7.21 -10.90
N GLN A 468 14.99 -7.02 -11.55
CA GLN A 468 15.38 -5.70 -12.04
C GLN A 468 14.51 -5.29 -13.23
N ASP A 469 13.95 -6.26 -13.97
CA ASP A 469 13.01 -5.93 -15.07
C ASP A 469 11.82 -5.15 -14.50
N GLU A 470 11.33 -5.52 -13.32
CA GLU A 470 10.17 -4.83 -12.71
C GLU A 470 10.55 -3.37 -12.37
N LEU A 471 11.76 -3.14 -11.85
CA LEU A 471 12.18 -1.79 -11.43
C LEU A 471 12.33 -0.89 -12.68
N ILE A 472 13.00 -1.39 -13.70
CA ILE A 472 13.23 -0.61 -14.95
C ILE A 472 11.91 -0.36 -15.67
N GLY A 473 11.06 -1.38 -15.76
CA GLY A 473 9.75 -1.29 -16.42
C GLY A 473 8.84 -0.25 -15.75
N ARG A 474 8.83 -0.17 -14.42
CA ARG A 474 7.99 0.82 -13.68
C ARG A 474 8.54 2.26 -13.89
N ALA A 475 9.86 2.47 -13.85
CA ALA A 475 10.51 3.80 -13.98
C ALA A 475 10.27 4.34 -15.42
N ARG A 476 9.98 3.45 -16.37
CA ARG A 476 9.72 3.87 -17.79
C ARG A 476 8.27 4.30 -18.00
N ILE A 477 7.45 4.26 -16.95
CA ILE A 477 6.00 4.57 -17.07
C ILE A 477 5.66 5.85 -16.30
N SER A 478 4.84 6.70 -16.91
N SER A 478 4.85 6.72 -16.90
CA SER A 478 4.17 7.87 -16.29
CA SER A 478 4.19 7.88 -16.24
C SER A 478 2.66 7.66 -16.34
C SER A 478 2.67 7.76 -16.41
N GLN A 479 1.91 8.32 -15.47
CA GLN A 479 0.42 8.30 -15.49
C GLN A 479 -0.06 9.73 -15.79
N GLY A 480 -1.13 9.87 -16.57
CA GLY A 480 -1.83 11.16 -16.80
C GLY A 480 -1.25 11.97 -17.95
N ALA A 481 -1.90 13.10 -18.24
CA ALA A 481 -1.71 13.93 -19.45
C ALA A 481 -1.00 15.25 -19.09
N GLY A 482 -0.54 15.97 -20.11
CA GLY A 482 -0.04 17.35 -20.02
C GLY A 482 1.31 17.41 -19.37
N TRP A 483 2.11 16.33 -19.42
CA TRP A 483 3.49 16.39 -18.84
C TRP A 483 4.40 17.22 -19.76
N SER A 484 4.97 18.31 -19.26
CA SER A 484 6.06 19.05 -19.92
C SER A 484 7.29 18.13 -20.02
N LEU A 485 8.33 18.51 -20.78
CA LEU A 485 9.63 17.79 -20.76
C LEU A 485 10.28 17.92 -19.38
N ARG A 486 10.23 19.11 -18.79
CA ARG A 486 10.79 19.34 -17.44
C ARG A 486 10.09 18.45 -16.42
N GLU A 487 8.76 18.33 -16.43
CA GLU A 487 8.06 17.48 -15.44
C GLU A 487 8.43 15.99 -15.64
N THR A 488 8.55 15.55 -16.89
CA THR A 488 8.94 14.16 -17.25
C THR A 488 10.37 13.91 -16.74
N ALA A 489 11.27 14.87 -16.94
CA ALA A 489 12.67 14.78 -16.46
C ALA A 489 12.69 14.64 -14.93
N CYS A 490 11.87 15.45 -14.22
CA CYS A 490 11.88 15.49 -12.73
C CYS A 490 11.33 14.15 -12.19
N LEU A 491 10.34 13.54 -12.84
CA LEU A 491 9.89 12.17 -12.49
C LEU A 491 11.02 11.15 -12.73
N GLY A 492 11.75 11.25 -13.82
CA GLY A 492 12.90 10.35 -14.05
C GLY A 492 13.89 10.46 -12.91
N LYS A 493 14.16 11.69 -12.47
CA LYS A 493 15.09 12.01 -11.37
C LYS A 493 14.60 11.38 -10.07
N SER A 494 13.30 11.42 -9.76
CA SER A 494 12.74 10.74 -8.55
C SER A 494 13.09 9.25 -8.62
N TYR A 495 12.85 8.56 -9.74
CA TYR A 495 13.19 7.11 -9.85
C TYR A 495 14.70 6.93 -9.66
N ALA A 496 15.51 7.76 -10.30
CA ALA A 496 16.99 7.63 -10.21
C ALA A 496 17.44 7.76 -8.76
N GLN A 497 16.95 8.76 -8.04
CA GLN A 497 17.39 8.97 -6.60
C GLN A 497 16.86 7.79 -5.74
N MET A 498 15.64 7.28 -6.01
CA MET A 498 15.15 6.08 -5.28
C MET A 498 16.15 4.94 -5.53
N TRP A 499 16.56 4.71 -6.76
CA TRP A 499 17.53 3.62 -7.05
C TRP A 499 18.86 3.82 -6.29
N SER A 500 19.38 5.05 -6.23
N SER A 500 19.41 5.05 -6.25
CA SER A 500 20.68 5.38 -5.57
CA SER A 500 20.69 5.35 -5.55
C SER A 500 20.60 5.09 -4.05
C SER A 500 20.58 5.00 -4.06
N LEU A 501 19.38 5.27 -3.47
CA LEU A 501 19.17 5.06 -2.02
C LEU A 501 18.80 3.61 -1.65
N MET A 502 17.94 2.96 -2.43
CA MET A 502 17.38 1.64 -2.09
C MET A 502 18.12 0.53 -2.86
N TYR A 503 18.55 0.76 -4.11
CA TYR A 503 18.95 -0.33 -5.02
C TYR A 503 20.38 -0.08 -5.52
N PHE A 504 21.20 0.66 -4.74
CA PHE A 504 22.60 1.02 -5.08
C PHE A 504 23.45 -0.23 -5.34
N HIS A 505 23.02 -1.36 -4.76
CA HIS A 505 23.72 -2.67 -4.79
C HIS A 505 23.52 -3.41 -6.11
N ARG A 506 22.66 -2.91 -7.00
CA ARG A 506 22.40 -3.49 -8.34
C ARG A 506 23.25 -2.69 -9.34
N ARG A 507 24.30 -3.29 -9.92
CA ARG A 507 25.24 -2.60 -10.84
C ARG A 507 24.47 -1.74 -11.87
N ASP A 508 23.49 -2.28 -12.55
CA ASP A 508 22.83 -1.58 -13.67
C ASP A 508 22.07 -0.35 -13.13
N LEU A 509 21.48 -0.44 -11.94
CA LEU A 509 20.62 0.65 -11.45
C LEU A 509 21.51 1.75 -10.90
N ARG A 510 22.67 1.45 -10.32
CA ARG A 510 23.54 2.55 -9.83
C ARG A 510 24.06 3.32 -11.05
N LEU A 511 24.42 2.62 -12.12
CA LEU A 511 24.91 3.25 -13.36
C LEU A 511 23.76 4.05 -14.00
N ALA A 512 22.57 3.49 -14.15
CA ALA A 512 21.46 4.20 -14.80
C ALA A 512 21.04 5.42 -13.94
N ALA A 513 21.06 5.30 -12.62
CA ALA A 513 20.72 6.40 -11.70
C ALA A 513 21.71 7.57 -11.90
N ASN A 514 23.00 7.27 -11.90
CA ASN A 514 24.08 8.27 -12.16
C ASN A 514 23.86 8.92 -13.52
N ALA A 515 23.52 8.15 -14.55
CA ALA A 515 23.27 8.68 -15.90
C ALA A 515 22.07 9.65 -15.86
N ILE A 516 20.94 9.25 -15.30
CA ILE A 516 19.72 10.10 -15.27
C ILE A 516 20.05 11.38 -14.47
N CYS A 517 20.72 11.27 -13.32
CA CYS A 517 21.04 12.44 -12.47
C CYS A 517 22.01 13.35 -13.22
N SER A 518 22.79 12.81 -14.16
CA SER A 518 23.75 13.61 -14.98
C SER A 518 23.00 14.28 -16.13
N ALA A 519 21.88 13.71 -16.57
CA ALA A 519 21.15 14.14 -17.79
C ALA A 519 20.10 15.19 -17.44
N VAL A 520 19.67 15.26 -16.19
CA VAL A 520 18.62 16.19 -15.71
C VAL A 520 19.34 17.35 -15.00
N PRO A 521 18.95 18.63 -15.25
CA PRO A 521 19.61 19.75 -14.61
C PRO A 521 19.74 19.54 -13.10
N SER A 522 20.94 19.81 -12.57
N SER A 522 20.93 19.82 -12.56
CA SER A 522 21.35 19.50 -11.17
CA SER A 522 21.36 19.51 -11.17
C SER A 522 20.33 20.06 -10.15
C SER A 522 20.34 20.06 -10.15
N HIS A 523 19.82 21.28 -10.36
CA HIS A 523 18.91 21.96 -9.38
C HIS A 523 17.42 21.66 -9.59
N TRP A 524 17.01 20.95 -10.65
CA TRP A 524 15.58 20.63 -10.85
C TRP A 524 15.13 19.61 -9.78
N VAL A 525 13.95 19.85 -9.23
CA VAL A 525 13.43 19.19 -8.02
C VAL A 525 12.69 17.92 -8.46
N PRO A 526 13.00 16.76 -7.88
CA PRO A 526 12.23 15.56 -8.19
C PRO A 526 10.75 15.68 -7.86
N THR A 527 9.87 15.13 -8.71
CA THR A 527 8.39 15.16 -8.55
C THR A 527 7.78 13.78 -8.71
N SER A 528 6.55 13.67 -8.24
CA SER A 528 5.63 12.51 -8.36
C SER A 528 4.20 13.05 -8.22
N ARG A 529 3.23 12.51 -8.96
CA ARG A 529 1.81 12.95 -8.92
C ARG A 529 0.99 12.12 -7.91
N THR A 530 1.46 10.94 -7.49
CA THR A 530 0.90 10.15 -6.35
C THR A 530 2.04 9.73 -5.41
N THR A 531 2.09 10.32 -4.21
CA THR A 531 3.20 10.18 -3.23
C THR A 531 3.01 8.87 -2.43
N ALA A 536 4.88 4.81 3.00
CA ALA A 536 6.28 4.65 3.48
C ALA A 536 7.02 6.01 3.40
N THR A 537 8.31 6.02 3.76
CA THR A 537 9.14 7.25 3.87
C THR A 537 9.93 7.42 2.57
N HIS A 538 9.82 8.59 1.92
N HIS A 538 9.84 8.63 1.98
CA HIS A 538 10.40 8.87 0.58
CA HIS A 538 10.35 8.98 0.63
C HIS A 538 11.60 9.83 0.72
C HIS A 538 11.60 9.86 0.73
N GLU A 539 12.70 9.32 1.28
CA GLU A 539 13.93 10.12 1.54
C GLU A 539 14.62 10.54 0.24
N TRP A 540 14.29 9.92 -0.90
CA TRP A 540 14.93 10.28 -2.19
C TRP A 540 14.26 11.55 -2.76
N MET A 541 13.16 12.04 -2.18
CA MET A 541 12.44 13.21 -2.75
C MET A 541 13.06 14.49 -2.14
N THR A 542 14.17 14.97 -2.72
CA THR A 542 15.02 16.04 -2.12
C THR A 542 16.03 16.47 -3.17
N THR A 543 16.63 17.66 -3.01
CA THR A 543 17.71 18.18 -3.88
C THR A 543 19.04 18.07 -3.14
N GLU A 544 19.03 17.61 -1.89
CA GLU A 544 20.24 17.28 -1.13
C GLU A 544 21.10 16.25 -1.90
N ASP A 545 22.41 16.33 -1.71
CA ASP A 545 23.41 15.41 -2.29
C ASP A 545 23.03 13.96 -1.89
N MET A 546 22.96 13.03 -2.85
CA MET A 546 22.47 11.64 -2.53
C MET A 546 23.46 10.90 -1.63
N LEU A 547 24.77 11.21 -1.64
CA LEU A 547 25.70 10.53 -0.71
C LEU A 547 25.37 10.93 0.74
N THR A 548 25.06 12.21 0.97
CA THR A 548 24.73 12.74 2.31
C THR A 548 23.44 12.04 2.80
N VAL A 549 22.43 11.92 1.96
CA VAL A 549 21.16 11.23 2.29
C VAL A 549 21.43 9.74 2.52
N TRP A 550 22.31 9.12 1.73
CA TRP A 550 22.67 7.68 1.93
C TRP A 550 23.25 7.53 3.35
N ASN A 551 24.20 8.40 3.73
CA ASN A 551 24.84 8.33 5.06
C ASN A 551 23.79 8.50 6.16
N ARG A 552 22.83 9.41 6.01
CA ARG A 552 21.83 9.66 7.06
C ARG A 552 20.95 8.41 7.24
N VAL A 553 20.51 7.80 6.13
CA VAL A 553 19.52 6.68 6.15
C VAL A 553 20.18 5.37 6.59
N TRP A 554 21.36 5.03 6.03
CA TRP A 554 21.96 3.70 6.18
C TRP A 554 22.94 3.66 7.37
N ILE A 555 23.45 4.82 7.84
CA ILE A 555 24.47 4.87 8.93
C ILE A 555 23.88 5.63 10.12
N GLN A 556 23.72 6.95 10.01
CA GLN A 556 23.42 7.84 11.18
C GLN A 556 22.13 7.37 11.86
N GLU A 557 21.02 7.26 11.11
CA GLU A 557 19.66 7.04 11.65
C GLU A 557 19.31 5.53 11.72
N ASN A 558 20.23 4.64 11.35
CA ASN A 558 20.01 3.17 11.26
C ASN A 558 20.23 2.55 12.64
N PRO A 559 19.18 2.15 13.38
CA PRO A 559 19.38 1.57 14.72
C PRO A 559 20.06 0.20 14.73
N TRP A 560 20.24 -0.45 13.57
CA TRP A 560 20.98 -1.75 13.50
C TRP A 560 22.49 -1.55 13.24
N MET A 561 22.98 -0.33 13.03
CA MET A 561 24.40 0.02 12.70
C MET A 561 25.01 0.68 13.96
N GLU A 562 25.81 -0.04 14.73
CA GLU A 562 26.42 0.52 15.97
C GLU A 562 27.52 1.54 15.61
N ASP A 563 28.40 1.24 14.64
CA ASP A 563 29.51 2.14 14.24
C ASP A 563 28.99 3.21 13.28
N LYS A 564 29.05 4.49 13.67
CA LYS A 564 28.43 5.61 12.94
C LYS A 564 29.45 6.33 12.04
N THR A 565 30.57 5.71 11.71
CA THR A 565 31.60 6.35 10.86
C THR A 565 31.00 6.64 9.49
N PRO A 566 30.95 7.92 9.02
CA PRO A 566 30.35 8.24 7.73
C PRO A 566 31.11 7.58 6.58
N VAL A 567 30.42 7.33 5.48
CA VAL A 567 31.05 6.85 4.22
C VAL A 567 31.47 8.10 3.44
N GLU A 568 32.66 8.13 2.84
CA GLU A 568 33.23 9.37 2.23
C GLU A 568 32.99 9.37 0.73
N SER A 569 32.77 8.21 0.09
CA SER A 569 32.52 8.11 -1.35
C SER A 569 31.62 6.91 -1.69
N TRP A 570 31.02 6.97 -2.87
CA TRP A 570 30.17 5.88 -3.39
C TRP A 570 30.99 4.59 -3.54
N GLU A 571 32.31 4.66 -3.76
CA GLU A 571 33.15 3.45 -3.94
C GLU A 571 33.23 2.61 -2.66
N GLU A 572 33.03 3.20 -1.49
CA GLU A 572 32.92 2.44 -0.20
C GLU A 572 31.63 1.61 -0.14
N ILE A 573 30.67 1.87 -1.04
CA ILE A 573 29.29 1.32 -0.91
C ILE A 573 29.23 0.10 -1.82
N PRO A 574 28.99 -1.11 -1.25
CA PRO A 574 29.12 -2.35 -2.02
C PRO A 574 27.94 -2.68 -2.97
N TYR A 575 28.21 -3.64 -3.85
CA TYR A 575 27.23 -4.31 -4.72
C TYR A 575 26.95 -5.72 -4.20
N LEU A 576 25.84 -6.33 -4.64
CA LEU A 576 25.64 -7.79 -4.55
C LEU A 576 26.81 -8.46 -5.26
N GLY A 577 27.10 -9.72 -4.93
CA GLY A 577 27.93 -10.58 -5.79
C GLY A 577 27.50 -10.50 -7.24
N LYS A 578 28.43 -10.59 -8.18
CA LYS A 578 28.05 -10.48 -9.61
C LYS A 578 27.05 -11.58 -9.99
N ARG A 579 27.18 -12.80 -9.49
CA ARG A 579 26.26 -13.90 -9.86
C ARG A 579 24.88 -13.61 -9.25
N GLU A 580 24.82 -13.16 -8.01
CA GLU A 580 23.53 -12.79 -7.35
C GLU A 580 22.83 -11.65 -8.12
N ASP A 581 23.60 -10.72 -8.69
CA ASP A 581 23.09 -9.55 -9.45
C ASP A 581 22.41 -10.09 -10.71
N GLN A 582 23.07 -11.03 -11.40
CA GLN A 582 22.50 -11.71 -12.59
C GLN A 582 21.25 -12.47 -12.19
N TRP A 583 21.29 -13.24 -11.09
CA TRP A 583 20.10 -13.99 -10.58
C TRP A 583 18.91 -13.03 -10.45
N CYS A 584 19.13 -11.81 -9.94
CA CYS A 584 18.06 -10.83 -9.67
C CYS A 584 17.79 -9.93 -10.89
N GLY A 585 18.30 -10.31 -12.08
CA GLY A 585 17.91 -9.75 -13.39
C GLY A 585 18.95 -8.86 -14.05
N SER A 586 20.15 -8.69 -13.48
CA SER A 586 21.21 -7.82 -14.09
C SER A 586 21.51 -8.29 -15.52
N LEU A 587 21.85 -7.32 -16.38
CA LEU A 587 22.34 -7.57 -17.75
C LEU A 587 23.86 -7.58 -17.77
N ILE A 588 24.52 -7.45 -16.62
CA ILE A 588 26.02 -7.50 -16.59
C ILE A 588 26.46 -8.80 -17.30
N GLY A 589 27.39 -8.70 -18.26
CA GLY A 589 27.88 -9.85 -19.03
C GLY A 589 27.35 -9.82 -20.46
N LEU A 590 26.22 -9.17 -20.74
CA LEU A 590 25.70 -9.04 -22.12
C LEU A 590 26.48 -7.96 -22.89
N THR A 591 26.62 -8.18 -24.18
CA THR A 591 27.21 -7.23 -25.15
C THR A 591 26.39 -5.94 -25.19
N SER A 592 25.07 -6.01 -25.21
CA SER A 592 24.20 -4.80 -25.18
C SER A 592 24.56 -3.90 -23.97
N ARG A 593 24.73 -4.50 -22.79
CA ARG A 593 24.97 -3.79 -21.52
C ARG A 593 26.37 -3.17 -21.56
N ALA A 594 27.39 -3.92 -21.99
CA ALA A 594 28.78 -3.41 -22.14
C ALA A 594 28.82 -2.14 -23.02
N THR A 595 28.13 -2.16 -24.16
CA THR A 595 28.13 -1.03 -25.11
C THR A 595 27.43 0.19 -24.47
N TRP A 596 26.29 -0.05 -23.83
CA TRP A 596 25.57 1.00 -23.06
C TRP A 596 26.50 1.62 -21.99
N ALA A 597 27.14 0.82 -21.16
CA ALA A 597 28.00 1.34 -20.06
C ALA A 597 29.17 2.15 -20.64
N LYS A 598 29.85 1.60 -21.65
CA LYS A 598 31.04 2.24 -22.25
C LYS A 598 30.65 3.58 -22.88
N ASN A 599 29.52 3.64 -23.59
CA ASN A 599 29.06 4.81 -24.38
C ASN A 599 28.06 5.68 -23.59
N ILE A 600 28.04 5.60 -22.26
CA ILE A 600 26.93 6.25 -21.46
C ILE A 600 26.93 7.78 -21.66
N GLN A 601 28.10 8.41 -21.80
N GLN A 601 28.11 8.41 -21.82
CA GLN A 601 28.20 9.89 -21.94
CA GLN A 601 28.23 9.89 -21.94
C GLN A 601 27.44 10.35 -23.20
C GLN A 601 27.47 10.36 -23.22
N THR A 602 27.47 9.49 -24.26
CA THR A 602 26.71 9.77 -25.51
C THR A 602 25.19 9.79 -25.26
N ALA A 603 24.69 8.91 -24.39
CA ALA A 603 23.26 8.83 -24.05
C ALA A 603 22.90 10.04 -23.20
N ILE A 604 23.77 10.35 -22.25
CA ILE A 604 23.57 11.51 -21.33
C ILE A 604 23.48 12.78 -22.19
N ASN A 605 24.38 12.91 -23.17
CA ASN A 605 24.45 14.12 -24.05
C ASN A 605 23.21 14.18 -24.94
N GLN A 606 22.63 13.05 -25.34
CA GLN A 606 21.40 13.04 -26.18
C GLN A 606 20.28 13.70 -25.38
N VAL A 607 20.11 13.28 -24.13
CA VAL A 607 19.02 13.82 -23.28
C VAL A 607 19.34 15.30 -22.94
N ARG A 608 20.61 15.63 -22.62
CA ARG A 608 20.98 17.05 -22.33
C ARG A 608 20.63 17.94 -23.54
N SER A 609 20.89 17.47 -24.76
CA SER A 609 20.58 18.23 -26.00
C SER A 609 19.07 18.43 -26.15
N LEU A 610 18.24 17.47 -25.77
CA LEU A 610 16.76 17.62 -25.87
C LEU A 610 16.28 18.66 -24.84
N ILE A 611 16.77 18.57 -23.61
CA ILE A 611 16.32 19.46 -22.49
C ILE A 611 16.84 20.89 -22.77
N GLY A 612 18.08 21.03 -23.28
CA GLY A 612 18.65 22.31 -23.74
C GLY A 612 19.78 22.81 -22.84
N ASN A 613 20.07 24.10 -22.90
CA ASN A 613 21.28 24.70 -22.30
C ASN A 613 20.98 25.07 -20.83
N GLU A 614 21.24 24.14 -19.94
CA GLU A 614 20.84 24.15 -18.51
C GLU A 614 22.13 23.86 -17.75
N GLU A 615 22.13 23.98 -16.44
CA GLU A 615 23.31 23.59 -15.62
C GLU A 615 23.15 22.11 -15.26
N TYR A 616 24.13 21.30 -15.65
CA TYR A 616 24.24 19.84 -15.38
C TYR A 616 25.52 19.55 -14.57
N THR A 617 25.48 18.47 -13.79
CA THR A 617 26.64 17.86 -13.08
C THR A 617 26.94 16.49 -13.69
N ASP A 618 28.21 16.15 -13.88
CA ASP A 618 28.63 14.77 -14.26
C ASP A 618 28.76 13.92 -12.98
N TYR A 619 27.81 13.02 -12.73
CA TYR A 619 27.92 12.07 -11.60
C TYR A 619 28.62 10.76 -11.99
N MET A 620 29.01 10.53 -13.26
CA MET A 620 29.56 9.22 -13.64
C MET A 620 30.92 8.94 -12.94
N PRO A 621 31.85 9.90 -12.73
CA PRO A 621 33.11 9.64 -12.02
C PRO A 621 33.03 9.26 -10.53
N SER A 622 31.84 9.28 -9.91
CA SER A 622 31.54 8.67 -8.58
C SER A 622 31.67 7.13 -8.65
N MET A 623 31.70 6.56 -9.86
CA MET A 623 31.91 5.10 -10.08
C MET A 623 33.35 4.86 -10.54
N LYS A 624 34.01 3.83 -9.99
CA LYS A 624 35.43 3.49 -10.25
C LYS A 624 35.75 3.52 -11.75
N ARG A 625 34.91 2.91 -12.61
CA ARG A 625 35.26 2.66 -14.04
C ARG A 625 35.27 3.95 -14.88
N PHE A 626 34.58 5.03 -14.47
CA PHE A 626 34.54 6.34 -15.19
C PHE A 626 35.49 7.33 -14.50
N ARG A 627 36.09 6.91 -13.38
CA ARG A 627 37.10 7.70 -12.64
C ARG A 627 38.46 7.44 -13.31
N ARG A 628 38.62 7.90 -14.56
CA ARG A 628 39.89 7.89 -15.36
C ARG A 628 40.26 6.46 -15.79
ZN ZN B . 17.71 -9.84 -5.12
ZN ZN C . -22.89 10.55 4.16
O1 MES D . 10.94 14.71 -26.12
O1 MES D . 10.75 14.53 -25.71
C2 MES D . 10.78 14.11 -27.40
C2 MES D . 10.75 13.93 -27.00
C3 MES D . 10.29 12.70 -27.26
C3 MES D . 10.79 12.43 -26.91
N4 MES D . 11.26 11.90 -26.46
N4 MES D . 11.99 11.98 -26.15
C5 MES D . 11.49 12.55 -25.14
C5 MES D . 12.00 12.66 -24.82
C6 MES D . 11.89 13.99 -25.34
C6 MES D . 11.92 14.16 -25.00
C7 MES D . 10.78 10.49 -26.27
C7 MES D . 12.08 10.49 -26.02
C8 MES D . 11.91 9.51 -26.09
C8 MES D . 10.77 9.79 -26.28
S MES D . 11.37 7.83 -26.27
S MES D . 10.97 8.04 -26.55
O1S MES D . 11.11 7.62 -27.63
O1S MES D . 12.36 7.85 -26.87
O2S MES D . 12.43 7.04 -25.68
O2S MES D . 10.60 7.40 -25.32
O3S MES D . 10.17 7.74 -25.43
O3S MES D . 10.10 7.69 -27.63
S DMS E . 23.63 10.77 -8.28
O DMS E . 24.76 10.46 -7.25
C1 DMS E . 22.57 11.94 -7.50
C2 DMS E . 22.57 9.34 -8.09
S DMS F . 33.09 -0.99 -5.20
O DMS F . 31.85 -0.61 -4.43
C1 DMS F . 33.22 0.14 -6.56
C2 DMS F . 32.69 -2.45 -6.13
S DMS G . 8.77 7.48 -7.35
O DMS G . 8.95 8.50 -6.26
C1 DMS G . 8.23 6.02 -6.50
C2 DMS G . 10.38 6.91 -7.72
C1 PEG H . 11.92 14.12 1.82
O1 PEG H . 12.47 13.57 3.00
C2 PEG H . 10.45 14.39 1.96
O2 PEG H . 9.96 14.99 0.76
C3 PEG H . 8.57 15.30 0.81
C4 PEG H . 7.75 14.07 0.53
O4 PEG H . 7.12 14.12 -0.74
P PO4 I . 3.20 -12.32 1.30
O1 PO4 I . 3.59 -13.56 0.32
O2 PO4 I . 2.18 -12.77 2.50
O3 PO4 I . 4.49 -11.70 1.98
O4 PO4 I . 2.54 -11.29 0.46
C1 PEG J . 12.67 -13.87 -17.66
O1 PEG J . 12.74 -15.20 -18.14
C2 PEG J . 13.82 -13.54 -16.76
O2 PEG J . 15.05 -13.80 -17.43
C3 PEG J . 16.20 -13.54 -16.62
C4 PEG J . 17.05 -12.46 -17.25
O4 PEG J . 18.08 -13.00 -18.06
P PO4 K . -21.43 0.97 19.60
O1 PO4 K . -21.64 0.72 18.09
O2 PO4 K . -21.38 -0.39 20.33
O3 PO4 K . -20.10 1.74 19.84
O4 PO4 K . -22.61 1.79 20.18
C1 PEG L . 14.68 -1.90 16.41
O1 PEG L . 14.77 -0.50 16.60
C2 PEG L . 15.67 -2.64 17.24
O2 PEG L . 16.99 -2.19 16.90
C3 PEG L . 17.96 -2.48 17.91
C4 PEG L . 18.84 -3.62 17.47
O4 PEG L . 20.21 -3.25 17.45
N1 T6R M . 0.35 -31.03 11.89
C4 T6R M . -0.31 -31.96 9.64
C5 T6R M . -1.39 -32.21 8.80
C6 T6R M . -2.69 -31.94 9.21
C7 T6R M . -2.94 -31.39 10.46
C8 T6R M . -1.85 -31.13 11.28
N T6R M . -1.74 -30.55 12.54
C T6R M . -3.22 -28.62 12.94
C1 T6R M . -2.86 -30.02 13.34
C2 T6R M . -0.41 -30.54 12.84
C3 T6R M . -0.54 -31.42 10.89
#